data_4ICN
#
_entry.id   4ICN
#
_cell.length_a   73.090
_cell.length_b   84.030
_cell.length_c   143.720
_cell.angle_alpha   90.00
_cell.angle_beta   90.00
_cell.angle_gamma   90.00
#
_symmetry.space_group_name_H-M   'P 21 21 21'
#
loop_
_entity.id
_entity.type
_entity.pdbx_description
1 polymer 'DIHYDRODIPICOLINATE SYNTHASE'
2 non-polymer 2-AMINO-2-HYDROXYMETHYL-PROPANE-1,3-DIOL
3 non-polymer GLYCEROL
4 non-polymer 'SULFATE ION'
5 non-polymer 'CHLORIDE ION'
6 water water
#
_entity_poly.entity_id   1
_entity_poly.type   'polypeptide(L)'
_entity_poly.pdbx_seq_one_letter_code
;ESWGSHMINGSIVALITPLNSDGTVDYTSLEKLVEYHITEGTDAIVAVGTTGESATLPISEHIAVVGQTVKFASGRIPVI
GGNGANATAEAIELTKAQNKLGVAAMLGVTPYYNKPSPKGLIAHYTAVAASTDIPQILYNVPGRTAVDMLPETIAQLVEV
PNIIGVKDATGDVARVKQLRDLCGNDFLLYSGDDATAREFLTLGGDGVISVANNIVPKLFKLMCDAALAGDTQAAMAAED
QIKGLFSALFCEANPIPVKWAAHKMGLISQGDIRLPLTELSTEFHGLLLDAMKNARIEVK
;
_entity_poly.pdbx_strand_id   A,B
#
loop_
_chem_comp.id
_chem_comp.type
_chem_comp.name
_chem_comp.formula
CL non-polymer 'CHLORIDE ION' 'Cl -1'
GOL non-polymer GLYCEROL 'C3 H8 O3'
SO4 non-polymer 'SULFATE ION' 'O4 S -2'
TRS non-polymer 2-AMINO-2-HYDROXYMETHYL-PROPANE-1,3-DIOL 'C4 H12 N O3 1'
#
# COMPACT_ATOMS: atom_id res chain seq x y z
N GLU A 1 -17.46 32.04 19.51
CA GLU A 1 -17.73 30.59 19.77
C GLU A 1 -18.97 30.11 18.98
N SER A 2 -19.64 29.10 19.52
CA SER A 2 -20.78 28.39 18.91
C SER A 2 -20.45 26.91 19.08
N TRP A 3 -20.35 26.42 20.32
CA TRP A 3 -20.52 27.18 21.58
C TRP A 3 -19.31 27.05 22.54
N GLY A 4 -18.52 26.00 22.32
CA GLY A 4 -17.42 25.66 23.23
C GLY A 4 -16.10 25.62 22.51
N SER A 5 -16.05 26.31 21.36
CA SER A 5 -14.82 26.59 20.61
C SER A 5 -14.32 25.34 19.88
N HIS A 6 -13.00 25.30 19.68
CA HIS A 6 -12.24 24.19 19.08
C HIS A 6 -13.00 23.17 18.21
N MET A 7 -12.79 23.28 16.90
CA MET A 7 -12.77 22.11 16.05
C MET A 7 -11.33 21.59 16.14
N ILE A 8 -11.10 20.38 15.61
CA ILE A 8 -9.76 19.79 15.62
C ILE A 8 -8.81 20.63 14.77
N ASN A 9 -7.87 21.30 15.42
CA ASN A 9 -6.92 22.11 14.69
C ASN A 9 -5.60 22.22 15.44
N GLY A 10 -4.69 23.03 14.94
CA GLY A 10 -3.42 23.25 15.64
C GLY A 10 -2.43 22.11 15.52
N SER A 11 -1.87 21.71 16.65
CA SER A 11 -0.79 20.76 16.67
C SER A 11 -1.26 19.36 17.11
N ILE A 12 -1.30 18.42 16.16
CA ILE A 12 -1.85 17.10 16.35
C ILE A 12 -0.73 16.05 16.21
N VAL A 13 -0.65 15.10 17.13
CA VAL A 13 0.40 14.10 17.12
C VAL A 13 -0.09 12.82 16.45
N ALA A 14 0.66 12.37 15.46
CA ALA A 14 0.48 11.06 14.87
C ALA A 14 1.15 10.08 15.81
N LEU A 15 0.38 9.58 16.75
CA LEU A 15 0.98 8.84 17.84
C LEU A 15 1.62 7.49 17.45
N ILE A 16 2.84 7.32 17.95
CA ILE A 16 3.58 6.09 18.11
C ILE A 16 2.72 5.12 18.88
N THR A 17 2.76 3.84 18.52
CA THR A 17 2.22 2.74 19.29
C THR A 17 3.34 1.93 19.96
N PRO A 18 3.53 2.14 21.26
CA PRO A 18 4.62 1.53 22.02
C PRO A 18 4.40 0.03 22.25
N LEU A 19 5.48 -0.75 22.23
CA LEU A 19 5.36 -2.22 22.33
C LEU A 19 6.19 -2.82 23.46
N ASN A 20 5.75 -3.97 23.99
CA ASN A 20 6.58 -4.74 24.95
C ASN A 20 7.57 -5.60 24.18
N SER A 21 8.60 -6.07 24.88
CA SER A 21 9.61 -6.97 24.29
C SER A 21 9.09 -8.11 23.44
N ASP A 22 7.90 -8.62 23.75
CA ASP A 22 7.26 -9.71 22.99
C ASP A 22 6.32 -9.22 21.87
N GLY A 23 6.38 -7.92 21.58
CA GLY A 23 5.60 -7.38 20.47
C GLY A 23 4.14 -7.06 20.72
N THR A 24 3.62 -7.37 21.91
CA THR A 24 2.30 -6.94 22.29
C THR A 24 2.36 -5.46 22.63
N VAL A 25 1.19 -4.86 22.62
CA VAL A 25 1.04 -3.46 22.90
C VAL A 25 1.37 -3.15 24.36
N ASP A 26 2.09 -2.06 24.59
CA ASP A 26 2.50 -1.65 25.94
C ASP A 26 1.57 -0.53 26.42
N TYR A 27 0.52 -0.95 27.13
CA TYR A 27 -0.48 -0.03 27.57
C TYR A 27 -0.02 0.94 28.63
N THR A 28 0.97 0.55 29.41
CA THR A 28 1.45 1.48 30.41
C THR A 28 2.27 2.59 29.73
N SER A 29 3.08 2.26 28.73
CA SER A 29 3.70 3.32 27.92
C SER A 29 2.66 4.14 27.13
N LEU A 30 1.59 3.50 26.65
CA LEU A 30 0.59 4.23 25.90
C LEU A 30 -0.04 5.33 26.76
N GLU A 31 -0.44 4.97 27.98
CA GLU A 31 -1.04 5.94 28.91
C GLU A 31 -0.06 7.07 29.22
N LYS A 32 1.20 6.72 29.38
CA LYS A 32 2.24 7.71 29.57
C LYS A 32 2.36 8.68 28.38
N LEU A 33 2.27 8.17 27.16
CA LEU A 33 2.28 9.05 26.02
C LEU A 33 1.10 10.03 26.04
N VAL A 34 -0.09 9.50 26.29
CA VAL A 34 -1.28 10.34 26.40
C VAL A 34 -1.18 11.43 27.49
N GLU A 35 -0.63 11.12 28.67
CA GLU A 35 -0.47 12.13 29.72
C GLU A 35 0.51 13.17 29.21
N TYR A 36 1.58 12.69 28.62
CA TYR A 36 2.65 13.55 28.14
C TYR A 36 2.09 14.59 27.20
N HIS A 37 1.31 14.15 26.21
CA HIS A 37 0.69 15.10 25.29
C HIS A 37 -0.29 16.10 25.90
N ILE A 38 -0.91 15.71 27.02
CA ILE A 38 -1.84 16.60 27.69
C ILE A 38 -1.05 17.67 28.43
N THR A 39 -0.09 17.25 29.24
CA THR A 39 0.80 18.13 29.97
C THR A 39 1.44 19.16 29.03
N GLU A 40 1.82 18.73 27.82
CA GLU A 40 2.63 19.58 26.95
C GLU A 40 1.78 20.39 25.98
N GLY A 41 0.48 20.15 26.01
CA GLY A 41 -0.46 21.03 25.31
C GLY A 41 -0.90 20.60 23.92
N THR A 42 -0.59 19.38 23.47
CA THR A 42 -0.98 18.92 22.11
C THR A 42 -2.49 19.05 21.90
N ASP A 43 -2.90 19.47 20.72
CA ASP A 43 -4.32 19.67 20.44
C ASP A 43 -5.17 18.41 20.28
N ALA A 44 -4.59 17.36 19.66
CA ALA A 44 -5.32 16.11 19.36
C ALA A 44 -4.36 14.98 19.06
N ILE A 45 -4.86 13.75 19.18
CA ILE A 45 -4.04 12.57 18.96
C ILE A 45 -4.67 11.70 17.90
N VAL A 46 -3.91 11.35 16.86
CA VAL A 46 -4.32 10.32 15.90
C VAL A 46 -3.74 9.05 16.46
N ALA A 47 -4.59 8.05 16.64
CA ALA A 47 -4.17 6.79 17.21
C ALA A 47 -4.30 5.75 16.11
N VAL A 48 -3.30 4.88 16.01
CA VAL A 48 -3.21 3.87 14.92
C VAL A 48 -3.39 4.45 13.52
N GLY A 49 -2.55 5.44 13.22
CA GLY A 49 -2.35 5.87 11.86
C GLY A 49 -1.06 5.18 11.44
N THR A 50 -0.42 5.70 10.39
CA THR A 50 0.83 5.16 9.88
C THR A 50 1.92 5.16 10.94
N THR A 51 2.11 6.29 11.62
CA THR A 51 3.13 6.38 12.67
C THR A 51 2.84 5.42 13.81
N GLY A 52 1.56 5.09 14.00
CA GLY A 52 1.16 4.10 14.99
C GLY A 52 1.23 2.69 14.42
N GLU A 53 1.84 2.55 13.24
CA GLU A 53 2.08 1.25 12.60
C GLU A 53 0.79 0.49 12.24
N SER A 54 -0.27 1.23 11.89
CA SER A 54 -1.54 0.61 11.53
C SER A 54 -1.48 -0.64 10.65
N ALA A 55 -0.50 -0.76 9.74
CA ALA A 55 -0.49 -1.91 8.80
C ALA A 55 -0.23 -3.23 9.49
N THR A 56 0.52 -3.19 10.60
CA THR A 56 0.84 -4.40 11.34
C THR A 56 -0.02 -4.67 12.58
N LEU A 57 -1.15 -3.97 12.71
CA LEU A 57 -2.13 -4.30 13.74
C LEU A 57 -3.42 -4.79 13.10
N PRO A 58 -3.77 -6.05 13.36
CA PRO A 58 -5.06 -6.54 12.89
C PRO A 58 -6.19 -5.74 13.55
N ILE A 59 -7.37 -5.78 12.95
CA ILE A 59 -8.48 -4.96 13.36
C ILE A 59 -8.76 -5.04 14.84
N SER A 60 -8.68 -6.22 15.43
CA SER A 60 -8.92 -6.36 16.87
C SER A 60 -7.96 -5.50 17.70
N GLU A 61 -6.68 -5.59 17.39
CA GLU A 61 -5.68 -4.90 18.17
C GLU A 61 -5.75 -3.39 17.88
N HIS A 62 -6.06 -3.08 16.62
CA HIS A 62 -6.28 -1.71 16.20
C HIS A 62 -7.34 -1.03 17.10
N ILE A 63 -8.48 -1.68 17.27
CA ILE A 63 -9.55 -0.99 17.94
C ILE A 63 -9.36 -0.95 19.47
N ALA A 64 -8.64 -1.92 20.02
CA ALA A 64 -8.24 -1.88 21.41
C ALA A 64 -7.36 -0.66 21.67
N VAL A 65 -6.37 -0.42 20.83
CA VAL A 65 -5.48 0.74 21.01
C VAL A 65 -6.28 2.05 20.95
N VAL A 66 -7.16 2.17 19.96
CA VAL A 66 -7.98 3.36 19.85
C VAL A 66 -8.87 3.47 21.09
N GLY A 67 -9.54 2.38 21.44
CA GLY A 67 -10.44 2.34 22.57
C GLY A 67 -9.79 2.72 23.89
N GLN A 68 -8.51 2.35 24.06
CA GLN A 68 -7.77 2.61 25.26
C GLN A 68 -7.18 4.01 25.31
N THR A 69 -6.74 4.48 24.14
CA THR A 69 -6.22 5.84 24.01
C THR A 69 -7.34 6.82 24.39
N VAL A 70 -8.52 6.62 23.83
CA VAL A 70 -9.70 7.42 24.19
C VAL A 70 -9.87 7.40 25.70
N LYS A 71 -9.86 6.20 26.26
CA LYS A 71 -10.00 6.00 27.69
C LYS A 71 -8.92 6.73 28.50
N PHE A 72 -7.65 6.60 28.13
CA PHE A 72 -6.59 7.26 28.89
C PHE A 72 -6.75 8.77 28.81
N ALA A 73 -7.29 9.24 27.69
CA ALA A 73 -7.52 10.68 27.46
C ALA A 73 -8.61 11.25 28.37
N SER A 74 -9.60 10.43 28.69
CA SER A 74 -10.64 10.79 29.64
C SER A 74 -11.16 12.21 29.48
N GLY A 75 -11.48 12.63 28.25
CA GLY A 75 -12.11 13.92 27.97
C GLY A 75 -11.18 15.11 27.97
N ARG A 76 -9.87 14.87 28.13
CA ARG A 76 -8.94 15.99 28.19
C ARG A 76 -8.31 16.36 26.86
N ILE A 77 -8.43 15.47 25.88
CA ILE A 77 -7.78 15.65 24.57
C ILE A 77 -8.50 14.80 23.51
N PRO A 78 -8.90 15.41 22.39
CA PRO A 78 -9.57 14.70 21.32
C PRO A 78 -8.72 13.57 20.77
N VAL A 79 -9.35 12.44 20.49
CA VAL A 79 -8.66 11.33 19.89
C VAL A 79 -9.27 10.99 18.53
N ILE A 80 -8.41 10.82 17.55
CA ILE A 80 -8.81 10.53 16.18
C ILE A 80 -8.36 9.10 15.88
N GLY A 81 -9.28 8.25 15.45
CA GLY A 81 -8.91 6.88 15.14
C GLY A 81 -8.60 6.76 13.66
N GLY A 82 -7.61 5.96 13.33
CA GLY A 82 -7.27 5.74 11.93
C GLY A 82 -8.27 4.75 11.37
N ASN A 83 -8.77 4.99 10.16
CA ASN A 83 -9.69 4.01 9.57
C ASN A 83 -9.38 3.79 8.11
N GLY A 84 -8.08 3.74 7.81
CA GLY A 84 -7.63 3.64 6.41
C GLY A 84 -7.59 2.19 5.94
N ALA A 85 -7.95 1.96 4.68
CA ALA A 85 -7.86 0.61 4.10
C ALA A 85 -7.90 0.70 2.57
N ASN A 86 -7.28 -0.25 1.87
CA ASN A 86 -7.32 -0.23 0.43
C ASN A 86 -8.48 -1.02 -0.20
N ALA A 87 -9.30 -1.62 0.65
CA ALA A 87 -10.59 -2.18 0.24
C ALA A 87 -11.70 -1.45 0.99
N THR A 88 -12.68 -0.99 0.23
CA THR A 88 -13.81 -0.31 0.78
C THR A 88 -14.47 -1.10 1.93
N ALA A 89 -14.85 -2.36 1.67
CA ALA A 89 -15.45 -3.22 2.69
C ALA A 89 -14.63 -3.25 3.99
N GLU A 90 -13.31 -3.38 3.87
CA GLU A 90 -12.42 -3.46 5.02
C GLU A 90 -12.45 -2.14 5.80
N ALA A 91 -12.58 -1.02 5.09
CA ALA A 91 -12.58 0.29 5.74
C ALA A 91 -13.96 0.62 6.35
N ILE A 92 -15.05 0.23 5.69
CA ILE A 92 -16.36 0.23 6.31
C ILE A 92 -16.35 -0.59 7.60
N GLU A 93 -15.84 -1.81 7.54
CA GLU A 93 -15.70 -2.69 8.72
C GLU A 93 -14.97 -1.98 9.85
N LEU A 94 -13.83 -1.37 9.51
CA LEU A 94 -12.97 -0.73 10.48
C LEU A 94 -13.63 0.53 11.06
N THR A 95 -14.35 1.26 10.20
CA THR A 95 -15.10 2.43 10.62
C THR A 95 -16.20 2.04 11.63
N LYS A 96 -16.94 0.98 11.30
CA LYS A 96 -18.03 0.50 12.13
C LYS A 96 -17.54 0.02 13.48
N ALA A 97 -16.34 -0.55 13.51
CA ALA A 97 -15.80 -1.05 14.76
C ALA A 97 -15.35 0.09 15.65
N GLN A 98 -15.33 1.31 15.11
CA GLN A 98 -14.85 2.46 15.85
C GLN A 98 -15.98 3.45 16.22
N ASN A 99 -17.15 3.32 15.57
CA ASN A 99 -18.35 4.03 16.03
C ASN A 99 -18.51 3.72 17.50
N LYS A 100 -18.99 4.66 18.28
CA LYS A 100 -19.15 4.40 19.72
C LYS A 100 -17.88 4.00 20.51
N LEU A 101 -16.71 4.48 20.09
CA LEU A 101 -15.52 4.41 20.94
C LEU A 101 -15.25 5.73 21.64
N GLY A 102 -15.81 6.84 21.16
CA GLY A 102 -15.57 8.13 21.84
C GLY A 102 -14.49 8.98 21.16
N VAL A 103 -14.33 8.63 19.90
CA VAL A 103 -13.40 9.18 18.96
C VAL A 103 -13.98 10.49 18.44
N ALA A 104 -13.17 11.57 18.41
CA ALA A 104 -13.61 12.86 17.83
C ALA A 104 -13.71 12.88 16.32
N ALA A 105 -13.00 11.96 15.67
CA ALA A 105 -12.92 11.91 14.20
C ALA A 105 -12.18 10.70 13.79
N MET A 106 -12.22 10.41 12.49
CA MET A 106 -11.42 9.35 11.95
C MET A 106 -10.55 9.87 10.80
N LEU A 107 -9.37 9.27 10.66
CA LEU A 107 -8.43 9.60 9.61
C LEU A 107 -8.17 8.41 8.69
N GLY A 108 -8.48 8.54 7.42
CA GLY A 108 -8.39 7.43 6.51
C GLY A 108 -7.58 7.76 5.28
N VAL A 109 -6.36 7.21 5.22
CA VAL A 109 -5.53 7.23 4.00
C VAL A 109 -6.29 6.73 2.76
N THR A 110 -6.00 7.33 1.61
CA THR A 110 -6.49 6.82 0.33
C THR A 110 -6.00 5.39 0.16
N PRO A 111 -6.83 4.51 -0.44
CA PRO A 111 -6.44 3.17 -0.83
C PRO A 111 -5.04 3.10 -1.44
N TYR A 112 -4.22 2.20 -0.91
CA TYR A 112 -2.83 2.08 -1.34
C TYR A 112 -2.62 0.82 -2.13
N TYR A 113 -1.50 0.78 -2.83
CA TYR A 113 -1.14 -0.35 -3.65
C TYR A 113 -2.03 -0.61 -4.87
N ASN A 114 -3.35 -0.57 -4.73
CA ASN A 114 -4.22 -0.97 -5.88
C ASN A 114 -4.55 0.19 -6.85
N LYS A 115 -4.19 1.41 -6.50
CA LYS A 115 -4.25 2.52 -7.47
C LYS A 115 -5.64 2.76 -8.14
N PRO A 116 -6.68 3.07 -7.32
CA PRO A 116 -7.98 3.38 -7.96
C PRO A 116 -7.91 4.73 -8.65
N SER A 117 -8.77 4.91 -9.65
CA SER A 117 -9.02 6.18 -10.34
C SER A 117 -9.75 7.18 -9.44
N PRO A 118 -9.79 8.48 -9.82
CA PRO A 118 -10.51 9.43 -8.95
C PRO A 118 -11.99 9.07 -8.67
N LYS A 119 -12.73 8.62 -9.67
CA LYS A 119 -14.13 8.19 -9.48
C LYS A 119 -14.23 7.08 -8.43
N GLY A 120 -13.22 6.21 -8.40
CA GLY A 120 -13.10 5.16 -7.40
C GLY A 120 -12.82 5.71 -6.01
N LEU A 121 -11.95 6.71 -5.93
CA LEU A 121 -11.63 7.33 -4.65
C LEU A 121 -12.88 7.94 -4.03
N ILE A 122 -13.72 8.58 -4.87
CA ILE A 122 -14.93 9.23 -4.40
C ILE A 122 -15.89 8.19 -3.91
N ALA A 123 -16.04 7.11 -4.65
CA ALA A 123 -17.00 6.08 -4.27
C ALA A 123 -16.56 5.44 -2.95
N HIS A 124 -15.26 5.24 -2.79
CA HIS A 124 -14.68 4.68 -1.58
C HIS A 124 -15.03 5.48 -0.33
N TYR A 125 -14.76 6.78 -0.38
CA TYR A 125 -14.94 7.64 0.79
C TYR A 125 -16.41 7.95 1.04
N THR A 126 -17.20 8.09 -0.02
CA THR A 126 -18.64 8.23 0.14
C THR A 126 -19.17 7.07 0.95
N ALA A 127 -18.83 5.86 0.53
CA ALA A 127 -19.27 4.63 1.23
C ALA A 127 -18.74 4.51 2.67
N VAL A 128 -17.51 4.96 2.93
CA VAL A 128 -16.97 4.95 4.29
C VAL A 128 -17.73 5.95 5.16
N ALA A 129 -17.91 7.15 4.63
CA ALA A 129 -18.63 8.19 5.34
C ALA A 129 -20.07 7.81 5.58
N ALA A 130 -20.67 7.08 4.67
CA ALA A 130 -22.06 6.74 4.81
C ALA A 130 -22.32 5.79 5.92
N SER A 131 -21.30 5.25 6.53
CA SER A 131 -21.49 4.18 7.46
C SER A 131 -21.26 4.60 8.90
N THR A 132 -21.19 5.89 9.11
CA THR A 132 -20.88 6.41 10.40
C THR A 132 -21.42 7.81 10.44
N ASP A 133 -21.46 8.41 11.62
CA ASP A 133 -21.60 9.83 11.67
C ASP A 133 -20.48 10.52 12.39
N ILE A 134 -19.38 9.83 12.60
CA ILE A 134 -18.19 10.48 13.06
C ILE A 134 -17.56 11.20 11.93
N PRO A 135 -16.93 12.30 12.20
CA PRO A 135 -16.28 13.07 11.16
C PRO A 135 -15.07 12.37 10.60
N GLN A 136 -14.85 12.59 9.33
CA GLN A 136 -13.82 11.87 8.58
C GLN A 136 -12.83 12.87 8.05
N ILE A 137 -11.55 12.54 8.14
CA ILE A 137 -10.50 13.35 7.56
C ILE A 137 -9.80 12.49 6.52
N LEU A 138 -9.81 12.94 5.27
CA LEU A 138 -9.11 12.29 4.15
C LEU A 138 -7.59 12.38 4.34
N TYR A 139 -6.85 11.42 3.80
CA TYR A 139 -5.38 11.45 3.91
C TYR A 139 -4.69 11.12 2.58
N ASN A 140 -4.01 12.12 2.03
CA ASN A 140 -3.31 11.97 0.76
C ASN A 140 -1.79 11.89 0.98
N VAL A 141 -1.21 10.74 0.61
CA VAL A 141 0.23 10.57 0.72
C VAL A 141 0.81 9.70 -0.40
N PRO A 142 0.90 10.27 -1.61
CA PRO A 142 1.36 9.57 -2.82
C PRO A 142 2.73 8.89 -2.67
N GLY A 143 3.64 9.48 -1.91
CA GLY A 143 4.90 8.85 -1.57
C GLY A 143 4.75 7.43 -1.02
N ARG A 144 3.60 7.09 -0.45
CA ARG A 144 3.40 5.77 0.15
C ARG A 144 2.33 4.95 -0.53
N THR A 145 1.38 5.62 -1.15
CA THR A 145 0.19 4.94 -1.63
C THR A 145 0.25 4.71 -3.12
N ALA A 146 1.03 5.54 -3.80
CA ALA A 146 1.09 5.53 -5.26
C ALA A 146 -0.24 5.95 -6.01
N VAL A 147 -1.15 6.63 -5.32
CA VAL A 147 -2.12 7.52 -5.96
C VAL A 147 -1.91 8.93 -5.45
N ASP A 148 -2.05 9.92 -6.32
CA ASP A 148 -2.13 11.31 -5.87
C ASP A 148 -3.57 11.75 -5.99
N MET A 149 -4.22 11.99 -4.86
CA MET A 149 -5.60 12.47 -4.88
C MET A 149 -5.57 13.98 -5.00
N LEU A 150 -5.97 14.47 -6.17
CA LEU A 150 -5.81 15.89 -6.45
C LEU A 150 -6.92 16.73 -5.81
N PRO A 151 -6.64 18.03 -5.55
CA PRO A 151 -7.62 19.01 -5.05
C PRO A 151 -9.00 18.89 -5.69
N GLU A 152 -9.05 18.79 -7.02
CA GLU A 152 -10.33 18.68 -7.74
C GLU A 152 -11.12 17.42 -7.39
N THR A 153 -10.44 16.41 -6.89
CA THR A 153 -11.16 15.22 -6.43
C THR A 153 -11.63 15.37 -4.98
N ILE A 154 -10.78 15.95 -4.16
CA ILE A 154 -11.15 16.27 -2.79
C ILE A 154 -12.41 17.18 -2.76
N ALA A 155 -12.46 18.19 -3.61
CA ALA A 155 -13.62 19.09 -3.73
C ALA A 155 -14.96 18.37 -3.94
N GLN A 156 -14.94 17.25 -4.66
CA GLN A 156 -16.17 16.50 -4.87
C GLN A 156 -16.68 15.74 -3.63
N LEU A 157 -15.89 15.76 -2.55
CA LEU A 157 -16.28 15.09 -1.32
C LEU A 157 -16.73 16.10 -0.26
N VAL A 158 -16.46 17.36 -0.51
CA VAL A 158 -16.86 18.44 0.38
C VAL A 158 -18.36 18.39 0.72
N GLU A 159 -19.18 18.08 -0.29
CA GLU A 159 -20.63 17.94 -0.13
C GLU A 159 -21.08 16.80 0.81
N VAL A 160 -20.25 15.77 0.95
CA VAL A 160 -20.56 14.60 1.80
C VAL A 160 -20.49 15.00 3.29
N PRO A 161 -21.66 15.14 3.93
CA PRO A 161 -21.84 15.95 5.15
C PRO A 161 -20.78 15.81 6.28
N ASN A 162 -20.38 14.57 6.60
CA ASN A 162 -19.44 14.31 7.69
C ASN A 162 -17.96 14.14 7.32
N ILE A 163 -17.63 14.43 6.07
CA ILE A 163 -16.24 14.56 5.64
C ILE A 163 -15.82 15.98 5.97
N ILE A 164 -14.89 16.14 6.90
CA ILE A 164 -14.61 17.48 7.41
C ILE A 164 -13.30 18.12 6.93
N GLY A 165 -12.44 17.36 6.28
CA GLY A 165 -11.19 17.92 5.79
C GLY A 165 -10.21 16.91 5.27
N VAL A 166 -8.94 17.33 5.09
CA VAL A 166 -7.92 16.48 4.47
C VAL A 166 -6.54 16.76 5.05
N LYS A 167 -5.81 15.67 5.30
CA LYS A 167 -4.41 15.75 5.64
C LYS A 167 -3.68 15.51 4.31
N ASP A 168 -2.87 16.49 3.89
CA ASP A 168 -2.03 16.38 2.66
C ASP A 168 -0.54 16.36 3.03
N ALA A 169 0.14 15.32 2.60
CA ALA A 169 1.51 15.06 2.99
C ALA A 169 2.48 15.28 1.85
N THR A 170 1.99 15.75 0.70
CA THR A 170 2.85 15.88 -0.48
C THR A 170 3.92 16.94 -0.29
N GLY A 171 3.61 17.94 0.52
CA GLY A 171 4.53 19.05 0.72
C GLY A 171 4.41 20.09 -0.38
N ASP A 172 3.37 19.97 -1.22
CA ASP A 172 3.09 20.98 -2.26
C ASP A 172 2.24 22.07 -1.62
N VAL A 173 2.89 23.11 -1.16
CA VAL A 173 2.16 24.15 -0.43
C VAL A 173 1.21 24.98 -1.31
N ALA A 174 1.35 24.88 -2.63
CA ALA A 174 0.45 25.54 -3.57
C ALA A 174 -0.97 24.97 -3.49
N ARG A 175 -1.08 23.80 -2.88
CA ARG A 175 -2.37 23.12 -2.76
C ARG A 175 -3.29 23.75 -1.74
N VAL A 176 -2.73 24.39 -0.70
CA VAL A 176 -3.54 25.13 0.26
C VAL A 176 -4.47 26.08 -0.47
N LYS A 177 -3.87 26.97 -1.28
CA LYS A 177 -4.63 27.91 -2.06
C LYS A 177 -5.62 27.20 -2.96
N GLN A 178 -5.20 26.16 -3.69
CA GLN A 178 -6.12 25.46 -4.60
C GLN A 178 -7.29 24.86 -3.83
N LEU A 179 -7.01 24.26 -2.68
CA LEU A 179 -8.03 23.59 -1.91
C LEU A 179 -9.03 24.57 -1.33
N ARG A 180 -8.52 25.72 -0.86
CA ARG A 180 -9.36 26.80 -0.36
C ARG A 180 -10.38 27.21 -1.41
N ASP A 181 -9.92 27.42 -2.64
CA ASP A 181 -10.73 28.00 -3.70
C ASP A 181 -11.80 27.01 -4.22
N LEU A 182 -11.68 25.74 -3.83
CA LEU A 182 -12.57 24.68 -4.31
C LEU A 182 -13.42 24.07 -3.20
N CYS A 183 -12.93 24.13 -1.96
CA CYS A 183 -13.64 23.58 -0.82
C CYS A 183 -14.14 24.76 0.04
N GLY A 184 -14.72 24.50 1.20
CA GLY A 184 -15.06 25.62 2.06
C GLY A 184 -13.88 26.48 2.52
N ASN A 185 -14.21 27.56 3.24
CA ASN A 185 -13.31 28.18 4.17
C ASN A 185 -13.44 27.30 5.43
N ASP A 186 -14.54 26.55 5.48
CA ASP A 186 -14.91 25.67 6.59
C ASP A 186 -14.22 24.29 6.59
N PHE A 187 -13.77 23.85 5.42
CA PHE A 187 -13.11 22.55 5.24
C PHE A 187 -11.72 22.58 5.84
N LEU A 188 -11.44 21.66 6.75
CA LEU A 188 -10.19 21.68 7.49
C LEU A 188 -9.00 21.12 6.67
N LEU A 189 -7.93 21.90 6.56
CA LEU A 189 -6.75 21.47 5.83
C LEU A 189 -5.62 21.15 6.79
N TYR A 190 -5.12 19.91 6.72
CA TYR A 190 -3.96 19.55 7.54
C TYR A 190 -2.71 19.21 6.73
N SER A 191 -1.60 19.80 7.12
CA SER A 191 -0.30 19.45 6.57
C SER A 191 0.12 18.07 7.13
N GLY A 192 0.64 17.22 6.24
CA GLY A 192 1.23 15.95 6.64
C GLY A 192 2.74 15.88 6.44
N ASP A 193 3.34 17.00 6.00
CA ASP A 193 4.80 17.10 5.85
C ASP A 193 5.42 18.17 6.77
N ASP A 194 6.07 17.71 7.83
CA ASP A 194 6.65 18.58 8.84
C ASP A 194 7.63 19.63 8.28
N ALA A 195 8.38 19.26 7.25
CA ALA A 195 9.39 20.16 6.65
C ALA A 195 8.76 21.44 6.09
N THR A 196 7.48 21.36 5.75
CA THR A 196 6.73 22.47 5.19
C THR A 196 5.51 22.84 6.04
N ALA A 197 5.42 22.28 7.24
CA ALA A 197 4.30 22.58 8.13
C ALA A 197 4.12 24.10 8.35
N ARG A 198 5.14 24.78 8.87
CA ARG A 198 5.06 26.21 9.12
C ARG A 198 4.48 26.94 7.93
N GLU A 199 5.14 26.83 6.79
CA GLU A 199 4.66 27.51 5.57
C GLU A 199 3.18 27.19 5.23
N PHE A 200 2.76 25.96 5.52
CA PHE A 200 1.41 25.47 5.20
C PHE A 200 0.40 26.23 6.06
N LEU A 201 0.69 26.36 7.35
CA LEU A 201 -0.16 27.16 8.25
C LEU A 201 -0.25 28.62 7.76
N THR A 202 0.92 29.26 7.62
CA THR A 202 1.05 30.64 7.17
C THR A 202 0.21 30.94 5.92
N LEU A 203 0.10 29.95 5.03
CA LEU A 203 -0.68 30.09 3.81
C LEU A 203 -2.19 29.82 3.95
N GLY A 204 -2.63 29.40 5.13
CA GLY A 204 -4.07 29.17 5.38
C GLY A 204 -4.54 27.77 5.78
N GLY A 205 -3.60 26.90 6.14
CA GLY A 205 -3.97 25.56 6.59
C GLY A 205 -4.51 25.69 7.99
N ASP A 206 -5.25 24.68 8.44
CA ASP A 206 -5.82 24.70 9.79
C ASP A 206 -5.01 23.93 10.83
N GLY A 207 -4.17 22.99 10.40
CA GLY A 207 -3.32 22.30 11.38
C GLY A 207 -2.30 21.35 10.82
N VAL A 208 -1.60 20.68 11.71
CA VAL A 208 -0.55 19.76 11.32
C VAL A 208 -0.67 18.47 12.09
N ILE A 209 -0.83 17.37 11.36
CA ILE A 209 -0.80 16.03 11.93
C ILE A 209 0.63 15.56 11.68
N SER A 210 1.45 15.67 12.71
CA SER A 210 2.88 15.67 12.60
C SER A 210 3.53 14.42 13.23
N VAL A 211 4.68 14.02 12.68
CA VAL A 211 5.49 12.99 13.28
C VAL A 211 6.37 13.53 14.43
N ALA A 212 6.95 14.71 14.26
CA ALA A 212 7.91 15.29 15.23
C ALA A 212 7.27 15.68 16.55
N ASN A 213 6.00 16.07 16.47
CA ASN A 213 5.08 16.11 17.62
C ASN A 213 5.32 15.07 18.72
N ASN A 214 5.62 13.85 18.29
CA ASN A 214 5.93 12.80 19.21
C ASN A 214 7.00 13.18 20.24
N ILE A 215 8.04 13.91 19.83
CA ILE A 215 9.21 14.12 20.68
C ILE A 215 9.52 15.58 20.99
N VAL A 216 8.97 16.50 20.21
CA VAL A 216 9.06 17.91 20.56
C VAL A 216 7.68 18.60 20.61
N PRO A 217 6.76 18.11 21.46
CA PRO A 217 5.43 18.72 21.40
C PRO A 217 5.32 20.20 21.83
N LYS A 218 6.04 20.62 22.85
CA LYS A 218 5.97 22.04 23.30
C LYS A 218 6.36 23.07 22.21
N LEU A 219 7.58 22.97 21.67
CA LEU A 219 8.02 23.84 20.58
C LEU A 219 7.19 23.66 19.31
N PHE A 220 6.77 22.43 19.04
CA PHE A 220 5.98 22.25 17.87
C PHE A 220 4.66 23.02 18.02
N LYS A 221 3.96 22.76 19.14
CA LYS A 221 2.78 23.53 19.51
C LYS A 221 3.04 25.05 19.31
N LEU A 222 4.03 25.58 20.04
CA LEU A 222 4.45 26.97 19.91
C LEU A 222 4.52 27.42 18.45
N MET A 223 5.19 26.64 17.62
CA MET A 223 5.33 26.94 16.21
C MET A 223 3.98 27.05 15.53
N CYS A 224 3.07 26.12 15.80
CA CYS A 224 1.75 26.12 15.16
C CYS A 224 0.85 27.25 15.65
N ASP A 225 0.86 27.52 16.94
CA ASP A 225 0.06 28.62 17.46
C ASP A 225 0.48 29.92 16.75
N ALA A 226 1.78 30.21 16.83
CA ALA A 226 2.33 31.44 16.30
C ALA A 226 1.99 31.63 14.84
N ALA A 227 2.18 30.60 14.03
CA ALA A 227 1.90 30.69 12.62
C ALA A 227 0.40 30.88 12.37
N LEU A 228 -0.44 30.23 13.18
CA LEU A 228 -1.91 30.43 13.07
C LEU A 228 -2.30 31.88 13.41
N ALA A 229 -1.70 32.39 14.47
CA ALA A 229 -1.87 33.77 14.92
C ALA A 229 -1.24 34.77 13.95
N GLY A 230 -0.53 34.30 12.94
CA GLY A 230 0.10 35.18 11.95
C GLY A 230 1.33 35.92 12.44
N ASP A 231 1.97 35.39 13.49
CA ASP A 231 3.18 35.95 14.09
C ASP A 231 4.42 35.19 13.55
N THR A 232 4.73 35.44 12.29
CA THR A 232 5.78 34.70 11.60
C THR A 232 7.11 34.66 12.38
N GLN A 233 7.52 35.79 12.93
CA GLN A 233 8.76 35.79 13.70
C GLN A 233 8.82 34.68 14.76
N ALA A 234 7.82 34.60 15.64
CA ALA A 234 7.88 33.60 16.72
C ALA A 234 7.80 32.18 16.18
N ALA A 235 7.06 32.01 15.09
CA ALA A 235 6.91 30.69 14.50
C ALA A 235 8.23 30.22 13.93
N MET A 236 8.88 31.11 13.20
CA MET A 236 10.14 30.79 12.57
C MET A 236 11.21 30.52 13.59
N ALA A 237 11.20 31.28 14.68
CA ALA A 237 12.12 31.11 15.78
C ALA A 237 11.90 29.78 16.47
N ALA A 238 10.64 29.35 16.49
CA ALA A 238 10.29 28.06 17.08
C ALA A 238 10.77 26.97 16.14
N GLU A 239 10.45 27.12 14.86
CA GLU A 239 10.88 26.18 13.84
C GLU A 239 12.38 25.98 13.85
N ASP A 240 13.14 27.06 13.83
CA ASP A 240 14.59 27.00 13.75
C ASP A 240 15.21 26.03 14.79
N GLN A 241 14.63 26.01 15.96
CA GLN A 241 15.15 25.19 17.03
C GLN A 241 15.03 23.70 16.73
N ILE A 242 14.02 23.33 15.95
CA ILE A 242 13.68 21.91 15.78
C ILE A 242 13.74 21.41 14.34
N LYS A 243 13.97 22.34 13.42
CA LYS A 243 13.99 22.06 11.99
C LYS A 243 14.85 20.85 11.65
N GLY A 244 15.97 20.70 12.33
CA GLY A 244 16.86 19.54 12.15
C GLY A 244 16.17 18.18 12.24
N LEU A 245 15.15 18.09 13.10
CA LEU A 245 14.39 16.85 13.21
C LEU A 245 13.53 16.50 11.98
N PHE A 246 13.21 17.49 11.16
CA PHE A 246 12.28 17.26 10.05
C PHE A 246 12.90 16.43 8.95
N SER A 247 14.22 16.32 8.97
CA SER A 247 14.94 15.49 8.02
C SER A 247 15.39 14.22 8.73
N ALA A 248 15.96 14.38 9.92
CA ALA A 248 16.52 13.28 10.69
C ALA A 248 15.49 12.19 11.12
N LEU A 249 14.24 12.56 11.33
CA LEU A 249 13.22 11.55 11.65
C LEU A 249 12.77 10.77 10.41
N PHE A 250 13.36 11.02 9.25
CA PHE A 250 13.03 10.26 8.02
C PHE A 250 14.22 9.53 7.35
N CYS A 251 15.35 9.40 8.06
CA CYS A 251 16.51 8.65 7.53
C CYS A 251 16.26 7.16 7.25
N GLU A 252 15.34 6.53 7.98
CA GLU A 252 14.63 5.31 7.54
C GLU A 252 13.14 5.69 7.54
N ALA A 253 12.30 4.89 6.88
CA ALA A 253 10.87 5.13 6.91
C ALA A 253 10.26 5.30 8.32
N ASN A 254 9.47 6.35 8.44
CA ASN A 254 8.67 6.63 9.62
C ASN A 254 7.76 5.40 9.80
N PRO A 255 7.59 4.91 11.04
CA PRO A 255 8.07 5.49 12.32
C PRO A 255 9.38 4.93 12.86
N ILE A 256 10.20 4.27 12.04
CA ILE A 256 11.42 3.67 12.58
C ILE A 256 12.29 4.65 13.39
N PRO A 257 12.58 5.85 12.85
CA PRO A 257 13.42 6.79 13.61
C PRO A 257 12.74 7.37 14.84
N VAL A 258 11.51 7.87 14.69
CA VAL A 258 10.82 8.46 15.82
C VAL A 258 10.66 7.49 16.99
N LYS A 259 10.53 6.22 16.67
CA LYS A 259 10.35 5.21 17.72
C LYS A 259 11.65 5.05 18.48
N TRP A 260 12.76 5.11 17.76
CA TRP A 260 14.05 4.98 18.38
C TRP A 260 14.26 6.16 19.32
N ALA A 261 13.94 7.36 18.84
CA ALA A 261 14.11 8.58 19.61
C ALA A 261 13.29 8.51 20.89
N ALA A 262 12.01 8.19 20.73
CA ALA A 262 11.09 8.15 21.84
C ALA A 262 11.60 7.19 22.91
N HIS A 263 12.19 6.07 22.48
CA HIS A 263 12.79 5.14 23.43
C HIS A 263 14.06 5.74 24.07
N LYS A 264 14.94 6.29 23.24
CA LYS A 264 16.18 6.89 23.72
C LYS A 264 15.90 8.11 24.61
N MET A 265 14.63 8.46 24.73
CA MET A 265 14.23 9.60 25.54
C MET A 265 14.32 9.29 27.03
N GLY A 266 13.54 8.30 27.47
CA GLY A 266 12.67 7.57 26.58
C GLY A 266 11.23 7.59 27.04
N LEU A 267 10.34 8.14 26.20
CA LEU A 267 8.93 8.22 26.52
C LEU A 267 8.32 6.84 26.71
N ILE A 268 8.93 5.84 26.08
CA ILE A 268 8.45 4.46 26.16
C ILE A 268 9.41 3.59 26.96
N SER A 269 9.04 2.34 27.16
CA SER A 269 9.88 1.40 27.90
C SER A 269 10.73 0.56 26.96
N GLN A 270 10.19 0.24 25.79
CA GLN A 270 10.91 -0.56 24.80
C GLN A 270 10.86 0.06 23.40
N GLY A 271 11.93 -0.09 22.62
CA GLY A 271 11.92 0.41 21.26
C GLY A 271 11.47 -0.63 20.26
N ASP A 272 10.88 -1.71 20.75
CA ASP A 272 10.42 -2.80 19.91
C ASP A 272 9.43 -2.33 18.87
N ILE A 273 9.48 -2.98 17.71
CA ILE A 273 8.67 -2.63 16.55
C ILE A 273 8.35 -3.88 15.72
N ARG A 274 7.26 -3.83 14.95
CA ARG A 274 6.74 -5.05 14.34
C ARG A 274 7.18 -5.23 12.92
N LEU A 275 7.52 -6.47 12.59
CA LEU A 275 7.91 -6.82 11.24
C LEU A 275 6.79 -6.52 10.24
N PRO A 276 7.12 -6.00 9.02
CA PRO A 276 8.46 -5.87 8.39
C PRO A 276 9.31 -4.67 8.78
N LEU A 277 8.86 -3.86 9.73
CA LEU A 277 9.68 -2.77 10.20
C LEU A 277 10.76 -3.28 11.16
N THR A 278 11.90 -2.58 11.25
CA THR A 278 13.02 -3.03 12.09
C THR A 278 13.55 -1.85 12.89
N GLU A 279 14.11 -2.09 14.07
CA GLU A 279 14.69 -0.98 14.86
C GLU A 279 15.72 -0.16 14.07
N LEU A 280 15.86 1.11 14.40
CA LEU A 280 16.73 1.97 13.62
C LEU A 280 18.11 1.34 13.53
N SER A 281 18.70 1.36 12.34
CA SER A 281 20.03 0.74 12.16
C SER A 281 21.11 1.66 12.71
N THR A 282 22.20 1.07 13.20
CA THR A 282 23.21 1.79 14.02
C THR A 282 23.93 2.91 13.24
N GLU A 283 24.12 2.67 11.95
CA GLU A 283 24.51 3.68 10.97
C GLU A 283 23.87 5.07 11.21
N PHE A 284 22.60 5.12 11.64
CA PHE A 284 21.90 6.40 11.83
C PHE A 284 21.81 6.87 13.29
N HIS A 285 22.22 6.03 14.25
CA HIS A 285 22.18 6.40 15.67
C HIS A 285 22.78 7.78 15.98
N GLY A 286 24.03 8.00 15.58
CA GLY A 286 24.68 9.31 15.75
C GLY A 286 23.97 10.46 15.04
N LEU A 287 23.64 10.25 13.78
CA LEU A 287 22.81 11.19 13.04
C LEU A 287 21.61 11.69 13.89
N LEU A 288 20.81 10.77 14.42
CA LEU A 288 19.58 11.13 15.15
C LEU A 288 19.81 11.71 16.55
N LEU A 289 20.78 11.14 17.26
CA LEU A 289 21.10 11.61 18.61
C LEU A 289 21.56 13.07 18.62
N ASP A 290 22.28 13.49 17.58
CA ASP A 290 22.76 14.86 17.52
C ASP A 290 21.66 15.82 17.09
N ALA A 291 20.80 15.35 16.18
CA ALA A 291 19.60 16.12 15.81
C ALA A 291 18.68 16.38 16.99
N MET A 292 18.64 15.42 17.91
CA MET A 292 17.88 15.54 19.14
C MET A 292 18.51 16.52 20.12
N LYS A 293 19.83 16.54 20.21
CA LYS A 293 20.51 17.53 21.06
C LYS A 293 20.20 18.94 20.58
N ASN A 294 20.32 19.15 19.26
CA ASN A 294 20.06 20.45 18.66
C ASN A 294 18.63 20.95 18.78
N ALA A 295 17.72 20.04 19.13
CA ALA A 295 16.32 20.39 19.30
C ALA A 295 15.95 20.50 20.78
N ARG A 296 16.98 20.46 21.65
CA ARG A 296 16.85 20.74 23.07
C ARG A 296 16.29 19.59 23.89
N ILE A 297 16.40 18.38 23.35
CA ILE A 297 15.95 17.17 24.06
C ILE A 297 17.08 16.61 24.93
N GLU A 298 16.72 16.07 26.09
CA GLU A 298 17.72 15.56 27.03
C GLU A 298 17.50 14.10 27.49
N VAL A 299 18.39 13.66 28.40
CA VAL A 299 18.43 12.32 29.08
C VAL A 299 18.24 11.01 28.25
N LYS A 300 19.06 10.81 27.21
CA LYS A 300 20.07 11.77 26.76
C LYS A 300 19.80 12.13 25.30
N HIS B 6 10.56 -27.33 -8.45
CA HIS B 6 10.09 -26.00 -8.95
C HIS B 6 9.62 -26.06 -10.44
N MET B 7 10.29 -25.27 -11.27
CA MET B 7 10.25 -25.36 -12.76
C MET B 7 8.94 -24.91 -13.42
N ILE B 8 8.43 -23.78 -12.89
CA ILE B 8 7.46 -22.95 -13.56
C ILE B 8 8.23 -22.01 -14.45
N ASN B 9 7.86 -21.91 -15.72
CA ASN B 9 8.50 -20.98 -16.65
C ASN B 9 7.72 -20.69 -17.93
N GLY B 10 8.23 -19.77 -18.74
CA GLY B 10 7.53 -19.39 -19.98
C GLY B 10 6.40 -18.42 -19.68
N SER B 11 5.24 -18.72 -20.24
CA SER B 11 4.13 -17.79 -20.23
C SER B 11 3.21 -18.06 -19.02
N ILE B 12 3.33 -17.26 -17.96
CA ILE B 12 2.49 -17.45 -16.77
C ILE B 12 1.47 -16.34 -16.66
N VAL B 13 0.18 -16.72 -16.58
CA VAL B 13 -0.86 -15.70 -16.54
C VAL B 13 -1.20 -15.30 -15.11
N ALA B 14 -1.15 -13.99 -14.87
CA ALA B 14 -1.65 -13.39 -13.63
C ALA B 14 -3.15 -13.27 -13.79
N LEU B 15 -3.91 -14.27 -13.36
CA LEU B 15 -5.33 -14.33 -13.65
C LEU B 15 -6.23 -13.30 -12.94
N ILE B 16 -7.19 -12.77 -13.68
CA ILE B 16 -8.24 -11.95 -13.08
C ILE B 16 -9.17 -12.81 -12.24
N THR B 17 -9.85 -12.20 -11.27
CA THR B 17 -10.92 -12.85 -10.52
C THR B 17 -12.28 -12.36 -11.04
N PRO B 18 -12.98 -13.18 -11.86
CA PRO B 18 -14.27 -12.73 -12.36
C PRO B 18 -15.33 -12.68 -11.26
N LEU B 19 -16.14 -11.63 -11.32
CA LEU B 19 -17.17 -11.39 -10.32
C LEU B 19 -18.59 -11.46 -10.90
N ASN B 20 -19.53 -11.92 -10.08
CA ASN B 20 -20.94 -11.86 -10.39
C ASN B 20 -21.41 -10.42 -10.26
N SER B 21 -22.53 -10.07 -10.89
CA SER B 21 -23.05 -8.70 -10.81
C SER B 21 -23.41 -8.29 -9.38
N ASP B 22 -23.57 -9.28 -8.49
CA ASP B 22 -23.74 -8.99 -7.07
C ASP B 22 -22.41 -8.84 -6.30
N GLY B 23 -21.29 -8.99 -7.01
CA GLY B 23 -19.94 -8.77 -6.46
C GLY B 23 -19.26 -10.00 -5.87
N THR B 24 -19.97 -11.13 -5.80
CA THR B 24 -19.36 -12.37 -5.36
C THR B 24 -18.49 -12.95 -6.48
N VAL B 25 -17.60 -13.86 -6.12
CA VAL B 25 -16.79 -14.52 -7.13
C VAL B 25 -17.69 -15.36 -8.06
N ASP B 26 -17.40 -15.29 -9.35
CA ASP B 26 -18.11 -16.04 -10.38
C ASP B 26 -17.28 -17.28 -10.71
N TYR B 27 -17.67 -18.40 -10.13
CA TYR B 27 -16.92 -19.64 -10.29
C TYR B 27 -17.11 -20.29 -11.66
N THR B 28 -18.25 -20.07 -12.29
CA THR B 28 -18.46 -20.52 -13.69
C THR B 28 -17.47 -19.87 -14.68
N SER B 29 -17.28 -18.56 -14.57
CA SER B 29 -16.28 -17.86 -15.39
C SER B 29 -14.85 -18.28 -15.02
N LEU B 30 -14.57 -18.37 -13.72
CA LEU B 30 -13.25 -18.85 -13.29
C LEU B 30 -12.90 -20.23 -13.89
N GLU B 31 -13.90 -21.11 -13.95
CA GLU B 31 -13.69 -22.42 -14.56
C GLU B 31 -13.42 -22.31 -16.05
N LYS B 32 -14.23 -21.51 -16.73
CA LYS B 32 -14.02 -21.24 -18.13
C LYS B 32 -12.59 -20.71 -18.42
N LEU B 33 -12.11 -19.81 -17.58
CA LEU B 33 -10.77 -19.24 -17.73
C LEU B 33 -9.66 -20.28 -17.56
N VAL B 34 -9.81 -21.18 -16.58
CA VAL B 34 -8.82 -22.21 -16.36
C VAL B 34 -8.80 -23.14 -17.55
N GLU B 35 -9.97 -23.52 -18.07
CA GLU B 35 -9.99 -24.41 -19.25
C GLU B 35 -9.32 -23.71 -20.42
N TYR B 36 -9.66 -22.43 -20.61
CA TYR B 36 -9.12 -21.59 -21.68
C TYR B 36 -7.61 -21.61 -21.68
N HIS B 37 -6.98 -21.34 -20.54
CA HIS B 37 -5.52 -21.39 -20.48
C HIS B 37 -4.93 -22.79 -20.69
N ILE B 38 -5.74 -23.81 -20.45
CA ILE B 38 -5.32 -25.15 -20.76
C ILE B 38 -5.45 -25.38 -22.28
N THR B 39 -6.60 -25.01 -22.84
CA THR B 39 -6.88 -25.11 -24.27
C THR B 39 -5.80 -24.43 -25.12
N GLU B 40 -5.50 -23.15 -24.84
CA GLU B 40 -4.31 -22.47 -25.38
C GLU B 40 -3.15 -22.96 -24.56
N GLY B 41 -1.94 -22.50 -24.73
CA GLY B 41 -0.88 -23.27 -24.06
C GLY B 41 -0.19 -22.68 -22.85
N THR B 42 -0.86 -21.77 -22.14
CA THR B 42 -0.31 -21.10 -20.93
C THR B 42 0.32 -22.08 -19.94
N ASP B 43 1.49 -21.71 -19.43
CA ASP B 43 2.32 -22.61 -18.63
C ASP B 43 1.94 -22.73 -17.15
N ALA B 44 1.26 -21.72 -16.61
CA ALA B 44 0.86 -21.68 -15.19
C ALA B 44 -0.11 -20.52 -14.95
N ILE B 45 -0.78 -20.55 -13.81
CA ILE B 45 -1.78 -19.58 -13.43
C ILE B 45 -1.48 -19.04 -12.06
N VAL B 46 -1.32 -17.72 -11.95
CA VAL B 46 -1.26 -17.07 -10.65
C VAL B 46 -2.68 -16.65 -10.23
N ALA B 47 -3.12 -17.26 -9.15
CA ALA B 47 -4.42 -17.02 -8.58
C ALA B 47 -4.31 -15.97 -7.48
N VAL B 48 -5.12 -14.92 -7.59
CA VAL B 48 -5.22 -13.88 -6.56
C VAL B 48 -3.86 -13.19 -6.30
N GLY B 49 -3.32 -12.55 -7.34
CA GLY B 49 -2.28 -11.55 -7.18
C GLY B 49 -2.94 -10.22 -7.47
N THR B 50 -2.13 -9.20 -7.79
CA THR B 50 -2.65 -7.87 -8.08
C THR B 50 -3.76 -7.89 -9.14
N THR B 51 -3.51 -8.59 -10.24
CA THR B 51 -4.43 -8.63 -11.35
C THR B 51 -5.71 -9.32 -10.92
N GLY B 52 -5.59 -10.21 -9.92
CA GLY B 52 -6.72 -10.98 -9.42
C GLY B 52 -7.39 -10.24 -8.27
N GLU B 53 -6.94 -9.00 -8.03
CA GLU B 53 -7.57 -8.13 -7.05
C GLU B 53 -7.37 -8.59 -5.59
N SER B 54 -6.20 -9.13 -5.25
CA SER B 54 -5.91 -9.56 -3.87
C SER B 54 -6.24 -8.52 -2.77
N ALA B 55 -6.08 -7.25 -3.09
CA ALA B 55 -6.36 -6.18 -2.14
C ALA B 55 -7.78 -6.25 -1.57
N THR B 56 -8.72 -6.66 -2.40
CA THR B 56 -10.12 -6.55 -2.05
C THR B 56 -10.72 -7.91 -1.73
N LEU B 57 -9.86 -8.91 -1.58
CA LEU B 57 -10.30 -10.25 -1.22
C LEU B 57 -9.81 -10.63 0.16
N PRO B 58 -10.73 -10.71 1.14
CA PRO B 58 -10.30 -11.13 2.48
C PRO B 58 -9.84 -12.60 2.49
N ILE B 59 -9.15 -13.01 3.55
CA ILE B 59 -8.41 -14.26 3.54
C ILE B 59 -9.29 -15.43 3.16
N SER B 60 -10.49 -15.48 3.69
CA SER B 60 -11.34 -16.59 3.41
C SER B 60 -11.75 -16.65 1.92
N GLU B 61 -11.89 -15.49 1.28
CA GLU B 61 -12.24 -15.45 -0.16
C GLU B 61 -11.02 -15.79 -1.01
N HIS B 62 -9.88 -15.26 -0.60
CA HIS B 62 -8.58 -15.58 -1.20
C HIS B 62 -8.42 -17.10 -1.25
N ILE B 63 -8.48 -17.75 -0.09
CA ILE B 63 -8.31 -19.21 -0.01
C ILE B 63 -9.27 -19.93 -0.95
N ALA B 64 -10.50 -19.46 -1.01
CA ALA B 64 -11.53 -20.07 -1.85
C ALA B 64 -11.19 -20.03 -3.36
N VAL B 65 -10.77 -18.86 -3.84
CA VAL B 65 -10.54 -18.69 -5.25
C VAL B 65 -9.34 -19.54 -5.62
N VAL B 66 -8.31 -19.53 -4.77
CA VAL B 66 -7.12 -20.33 -5.08
C VAL B 66 -7.47 -21.79 -5.10
N GLY B 67 -8.21 -22.22 -4.09
CA GLY B 67 -8.58 -23.62 -3.90
C GLY B 67 -9.43 -24.09 -5.05
N GLN B 68 -10.37 -23.26 -5.48
CA GLN B 68 -11.21 -23.60 -6.61
C GLN B 68 -10.43 -23.68 -7.94
N THR B 69 -9.42 -22.81 -8.07
CA THR B 69 -8.62 -22.78 -9.29
C THR B 69 -7.83 -24.06 -9.39
N VAL B 70 -7.31 -24.51 -8.24
CA VAL B 70 -6.62 -25.79 -8.21
C VAL B 70 -7.55 -26.94 -8.64
N LYS B 71 -8.79 -26.95 -8.13
CA LYS B 71 -9.78 -27.97 -8.45
C LYS B 71 -10.10 -27.99 -9.96
N PHE B 72 -10.36 -26.81 -10.51
CA PHE B 72 -10.69 -26.73 -11.92
C PHE B 72 -9.52 -27.15 -12.78
N ALA B 73 -8.29 -26.91 -12.33
CA ALA B 73 -7.10 -27.26 -13.12
C ALA B 73 -6.91 -28.77 -13.18
N SER B 74 -7.41 -29.44 -12.14
CA SER B 74 -7.27 -30.87 -11.97
C SER B 74 -5.90 -31.41 -12.43
N GLY B 75 -4.83 -30.83 -11.89
CA GLY B 75 -3.47 -31.29 -12.16
C GLY B 75 -2.93 -31.03 -13.55
N ARG B 76 -3.71 -30.38 -14.42
CA ARG B 76 -3.29 -30.16 -15.81
C ARG B 76 -2.37 -28.93 -16.01
N ILE B 77 -2.26 -28.08 -14.99
CA ILE B 77 -1.53 -26.82 -15.08
C ILE B 77 -1.20 -26.35 -13.66
N PRO B 78 0.05 -25.99 -13.42
CA PRO B 78 0.45 -25.58 -12.09
C PRO B 78 -0.27 -24.29 -11.69
N VAL B 79 -0.71 -24.22 -10.44
CA VAL B 79 -1.37 -23.02 -9.97
C VAL B 79 -0.51 -22.44 -8.85
N ILE B 80 -0.36 -21.13 -8.87
CA ILE B 80 0.48 -20.44 -7.91
C ILE B 80 -0.41 -19.49 -7.15
N GLY B 81 -0.38 -19.54 -5.84
CA GLY B 81 -1.26 -18.67 -5.08
C GLY B 81 -0.54 -17.45 -4.55
N GLY B 82 -1.24 -16.34 -4.53
CA GLY B 82 -0.64 -15.12 -3.98
C GLY B 82 -0.60 -15.19 -2.47
N ASN B 83 0.49 -14.75 -1.88
CA ASN B 83 0.58 -14.74 -0.45
C ASN B 83 1.27 -13.47 0.04
N GLY B 84 1.04 -12.35 -0.64
CA GLY B 84 1.67 -11.07 -0.23
C GLY B 84 0.87 -10.36 0.85
N ALA B 85 1.56 -9.73 1.78
CA ALA B 85 0.89 -8.83 2.71
C ALA B 85 1.93 -7.87 3.21
N ASN B 86 1.51 -6.77 3.80
CA ASN B 86 2.49 -5.82 4.31
C ASN B 86 2.73 -5.98 5.82
N ALA B 87 2.07 -6.93 6.44
CA ALA B 87 2.48 -7.37 7.77
C ALA B 87 3.00 -8.78 7.68
N THR B 88 4.19 -8.98 8.21
CA THR B 88 4.79 -10.31 8.29
C THR B 88 3.84 -11.35 8.88
N ALA B 89 3.27 -11.05 10.05
CA ALA B 89 2.32 -11.98 10.64
C ALA B 89 1.13 -12.31 9.70
N GLU B 90 0.61 -11.32 8.97
CA GLU B 90 -0.51 -11.56 8.03
C GLU B 90 -0.06 -12.45 6.87
N ALA B 91 1.13 -12.22 6.38
CA ALA B 91 1.68 -13.03 5.31
C ALA B 91 1.85 -14.48 5.74
N ILE B 92 2.37 -14.70 6.95
CA ILE B 92 2.51 -16.06 7.47
C ILE B 92 1.16 -16.77 7.52
N GLU B 93 0.14 -16.08 8.00
CA GLU B 93 -1.17 -16.68 8.12
C GLU B 93 -1.78 -17.02 6.75
N LEU B 94 -1.54 -16.15 5.78
CA LEU B 94 -2.06 -16.36 4.43
C LEU B 94 -1.33 -17.53 3.81
N THR B 95 -0.04 -17.60 4.11
CA THR B 95 0.78 -18.68 3.64
C THR B 95 0.30 -20.02 4.23
N LYS B 96 0.11 -20.07 5.55
CA LYS B 96 -0.35 -21.30 6.22
C LYS B 96 -1.70 -21.78 5.74
N ALA B 97 -2.61 -20.86 5.43
CA ALA B 97 -3.93 -21.25 4.94
C ALA B 97 -3.90 -21.78 3.52
N GLN B 98 -2.75 -21.72 2.85
CA GLN B 98 -2.63 -22.18 1.46
C GLN B 98 -1.79 -23.45 1.40
N ASN B 99 -1.21 -23.81 2.55
CA ASN B 99 -0.30 -24.93 2.61
C ASN B 99 -0.82 -26.25 2.12
N LYS B 100 -2.14 -26.42 2.12
CA LYS B 100 -2.71 -27.68 1.68
C LYS B 100 -3.79 -27.53 0.61
N LEU B 101 -3.71 -26.47 -0.17
CA LEU B 101 -4.65 -26.30 -1.27
C LEU B 101 -4.12 -26.98 -2.51
N GLY B 102 -2.82 -27.24 -2.55
CA GLY B 102 -2.21 -27.94 -3.68
C GLY B 102 -1.58 -27.03 -4.72
N VAL B 103 -1.17 -25.84 -4.29
CA VAL B 103 -0.45 -24.93 -5.16
C VAL B 103 0.97 -25.42 -5.44
N ALA B 104 1.48 -25.15 -6.63
CA ALA B 104 2.88 -25.42 -6.97
C ALA B 104 3.82 -24.43 -6.28
N ALA B 105 3.33 -23.21 -6.07
CA ALA B 105 4.17 -22.14 -5.52
C ALA B 105 3.32 -21.01 -4.99
N MET B 106 3.96 -20.04 -4.35
CA MET B 106 3.27 -18.85 -3.89
C MET B 106 4.06 -17.64 -4.36
N LEU B 107 3.32 -16.63 -4.82
CA LEU B 107 3.87 -15.34 -5.23
C LEU B 107 3.58 -14.26 -4.19
N GLY B 108 4.64 -13.76 -3.58
CA GLY B 108 4.53 -12.78 -2.52
C GLY B 108 5.16 -11.42 -2.81
N VAL B 109 4.29 -10.42 -2.99
CA VAL B 109 4.70 -9.06 -3.20
C VAL B 109 5.41 -8.51 -1.98
N THR B 110 6.37 -7.62 -2.19
CA THR B 110 7.06 -6.92 -1.08
C THR B 110 6.04 -6.06 -0.29
N PRO B 111 6.24 -5.91 1.03
CA PRO B 111 5.31 -5.11 1.80
C PRO B 111 5.12 -3.70 1.22
N TYR B 112 3.87 -3.33 0.95
CA TYR B 112 3.57 -2.03 0.35
C TYR B 112 3.14 -1.07 1.42
N TYR B 113 3.16 0.22 1.07
CA TYR B 113 2.76 1.30 1.96
C TYR B 113 3.69 1.61 3.16
N ASN B 114 4.12 0.60 3.90
CA ASN B 114 4.90 0.87 5.14
C ASN B 114 6.44 1.06 4.95
N LYS B 115 6.94 0.83 3.75
CA LYS B 115 8.35 1.11 3.38
C LYS B 115 9.40 0.55 4.35
N PRO B 116 9.41 -0.77 4.53
CA PRO B 116 10.44 -1.34 5.38
C PRO B 116 11.82 -1.20 4.73
N SER B 117 12.86 -1.32 5.54
CA SER B 117 14.21 -1.36 5.05
C SER B 117 14.62 -2.73 4.46
N PRO B 118 15.72 -2.77 3.70
CA PRO B 118 16.24 -4.04 3.18
C PRO B 118 16.30 -5.15 4.26
N LYS B 119 16.86 -4.83 5.42
CA LYS B 119 16.95 -5.79 6.53
C LYS B 119 15.59 -6.38 6.91
N GLY B 120 14.56 -5.55 6.78
CA GLY B 120 13.21 -5.92 7.12
C GLY B 120 12.60 -6.80 6.06
N LEU B 121 12.82 -6.47 4.79
CA LEU B 121 12.35 -7.33 3.71
C LEU B 121 12.91 -8.75 3.85
N ILE B 122 14.22 -8.83 4.15
CA ILE B 122 14.90 -10.11 4.36
C ILE B 122 14.24 -10.90 5.49
N ALA B 123 14.11 -10.27 6.66
CA ALA B 123 13.49 -10.88 7.83
C ALA B 123 12.05 -11.25 7.52
N HIS B 124 11.38 -10.38 6.78
CA HIS B 124 10.00 -10.63 6.34
C HIS B 124 9.90 -11.92 5.54
N TYR B 125 10.57 -11.97 4.41
CA TYR B 125 10.48 -13.13 3.55
C TYR B 125 11.06 -14.42 4.21
N THR B 126 12.12 -14.26 4.99
CA THR B 126 12.69 -15.39 5.71
C THR B 126 11.64 -16.03 6.62
N ALA B 127 10.92 -15.19 7.36
CA ALA B 127 9.91 -15.73 8.28
C ALA B 127 8.71 -16.31 7.55
N VAL B 128 8.39 -15.76 6.38
CA VAL B 128 7.27 -16.29 5.58
C VAL B 128 7.72 -17.62 5.01
N ALA B 129 8.91 -17.68 4.44
CA ALA B 129 9.39 -18.95 3.86
C ALA B 129 9.53 -20.01 4.95
N ALA B 130 9.98 -19.63 6.15
CA ALA B 130 10.08 -20.54 7.29
C ALA B 130 8.78 -21.25 7.70
N SER B 131 7.63 -20.80 7.16
CA SER B 131 6.37 -21.33 7.65
C SER B 131 5.68 -22.26 6.65
N THR B 132 6.44 -22.78 5.70
CA THR B 132 5.90 -23.59 4.61
C THR B 132 7.01 -24.40 3.98
N ASP B 133 6.58 -25.44 3.27
CA ASP B 133 7.43 -26.19 2.35
C ASP B 133 7.17 -25.78 0.89
N ILE B 134 6.12 -25.00 0.64
CA ILE B 134 5.81 -24.59 -0.73
C ILE B 134 6.85 -23.58 -1.24
N PRO B 135 7.32 -23.77 -2.47
CA PRO B 135 8.22 -22.77 -3.08
C PRO B 135 7.60 -21.36 -3.09
N GLN B 136 8.44 -20.38 -2.72
CA GLN B 136 8.09 -18.98 -2.69
C GLN B 136 8.78 -18.26 -3.87
N ILE B 137 8.04 -17.38 -4.55
CA ILE B 137 8.56 -16.44 -5.54
C ILE B 137 8.38 -15.03 -4.98
N LEU B 138 9.45 -14.24 -5.04
CA LEU B 138 9.41 -12.86 -4.57
C LEU B 138 8.91 -11.98 -5.68
N TYR B 139 8.39 -10.82 -5.30
CA TYR B 139 7.77 -9.93 -6.26
C TYR B 139 8.09 -8.46 -5.93
N ASN B 140 8.82 -7.79 -6.82
CA ASN B 140 9.23 -6.40 -6.64
C ASN B 140 8.45 -5.57 -7.65
N VAL B 141 7.73 -4.56 -7.17
CA VAL B 141 6.95 -3.61 -8.01
C VAL B 141 6.82 -2.24 -7.30
N PRO B 142 7.90 -1.43 -7.33
CA PRO B 142 7.96 -0.19 -6.56
C PRO B 142 6.93 0.85 -7.02
N GLY B 143 6.56 0.76 -8.29
CA GLY B 143 5.47 1.55 -8.83
C GLY B 143 4.16 1.43 -8.05
N ARG B 144 4.02 0.34 -7.30
CA ARG B 144 2.84 0.11 -6.47
C ARG B 144 3.09 0.05 -4.98
N THR B 145 4.31 -0.27 -4.56
CA THR B 145 4.57 -0.59 -3.18
C THR B 145 5.29 0.50 -2.45
N ALA B 146 5.84 1.45 -3.21
CA ALA B 146 6.75 2.47 -2.65
C ALA B 146 8.09 1.91 -2.13
N VAL B 147 8.41 0.66 -2.44
CA VAL B 147 9.72 0.16 -2.06
C VAL B 147 10.39 -0.61 -3.19
N ASP B 148 11.65 -0.30 -3.47
CA ASP B 148 12.42 -1.01 -4.51
C ASP B 148 13.31 -2.02 -3.84
N MET B 149 12.99 -3.29 -4.05
CA MET B 149 13.85 -4.36 -3.55
C MET B 149 14.94 -4.68 -4.57
N LEU B 150 16.13 -4.19 -4.30
CA LEU B 150 17.25 -4.26 -5.22
C LEU B 150 17.89 -5.66 -5.26
N PRO B 151 18.54 -6.02 -6.37
CA PRO B 151 19.15 -7.35 -6.52
C PRO B 151 20.11 -7.78 -5.39
N GLU B 152 20.85 -6.83 -4.85
CA GLU B 152 21.68 -7.05 -3.66
C GLU B 152 20.83 -7.57 -2.52
N THR B 153 19.59 -7.11 -2.42
CA THR B 153 18.74 -7.60 -1.33
C THR B 153 18.19 -8.96 -1.67
N ILE B 154 17.72 -9.13 -2.89
CA ILE B 154 17.23 -10.42 -3.32
C ILE B 154 18.28 -11.52 -3.13
N ALA B 155 19.53 -11.21 -3.45
CA ALA B 155 20.63 -12.18 -3.37
C ALA B 155 20.84 -12.78 -1.97
N GLN B 156 20.46 -12.05 -0.93
CA GLN B 156 20.65 -12.56 0.42
C GLN B 156 19.57 -13.55 0.79
N LEU B 157 18.63 -13.77 -0.11
CA LEU B 157 17.50 -14.66 0.17
C LEU B 157 17.60 -15.97 -0.59
N VAL B 158 18.55 -16.03 -1.52
CA VAL B 158 18.73 -17.20 -2.37
C VAL B 158 18.97 -18.50 -1.55
N GLU B 159 19.75 -18.36 -0.47
CA GLU B 159 20.08 -19.46 0.44
C GLU B 159 18.93 -19.95 1.30
N VAL B 160 17.82 -19.23 1.31
CA VAL B 160 16.66 -19.78 1.98
C VAL B 160 16.16 -20.92 1.10
N PRO B 161 16.20 -22.15 1.65
CA PRO B 161 15.97 -23.32 0.79
C PRO B 161 14.82 -23.11 -0.23
N ASN B 162 13.62 -22.77 0.26
CA ASN B 162 12.41 -22.67 -0.58
C ASN B 162 12.05 -21.31 -1.23
N ILE B 163 12.98 -20.37 -1.23
CA ILE B 163 12.78 -19.17 -2.03
C ILE B 163 13.39 -19.47 -3.37
N ILE B 164 12.55 -19.61 -4.39
CA ILE B 164 12.98 -20.16 -5.69
C ILE B 164 13.25 -19.16 -6.82
N GLY B 165 12.78 -17.92 -6.64
CA GLY B 165 13.00 -16.87 -7.62
C GLY B 165 12.28 -15.58 -7.29
N VAL B 166 12.16 -14.71 -8.30
CA VAL B 166 11.64 -13.36 -8.16
C VAL B 166 10.95 -12.87 -9.43
N LYS B 167 9.75 -12.31 -9.28
CA LYS B 167 9.11 -11.53 -10.34
C LYS B 167 9.57 -10.09 -10.14
N ASP B 168 10.09 -9.46 -11.19
CA ASP B 168 10.49 -8.05 -11.11
C ASP B 168 9.72 -7.27 -12.17
N ALA B 169 8.98 -6.24 -11.73
CA ALA B 169 8.15 -5.50 -12.66
C ALA B 169 8.74 -4.12 -13.02
N THR B 170 9.94 -3.81 -12.54
CA THR B 170 10.54 -2.48 -12.80
C THR B 170 10.67 -2.06 -14.27
N GLY B 171 10.80 -3.02 -15.17
CA GLY B 171 10.96 -2.76 -16.60
C GLY B 171 12.40 -2.47 -16.90
N ASP B 172 13.23 -2.60 -15.86
CA ASP B 172 14.65 -2.32 -15.92
C ASP B 172 15.40 -3.61 -16.23
N VAL B 173 15.54 -3.81 -17.53
CA VAL B 173 16.13 -4.97 -18.16
C VAL B 173 17.56 -5.32 -17.70
N ALA B 174 18.36 -4.32 -17.37
CA ALA B 174 19.74 -4.53 -16.86
C ALA B 174 19.82 -5.34 -15.57
N ARG B 175 18.67 -5.58 -14.95
CA ARG B 175 18.61 -6.30 -13.69
C ARG B 175 18.78 -7.78 -13.87
N VAL B 176 18.39 -8.28 -15.04
CA VAL B 176 18.55 -9.69 -15.38
C VAL B 176 20.01 -10.09 -15.19
N LYS B 177 20.92 -9.36 -15.84
CA LYS B 177 22.34 -9.67 -15.73
C LYS B 177 22.77 -9.63 -14.26
N GLN B 178 22.47 -8.51 -13.61
CA GLN B 178 22.78 -8.31 -12.19
C GLN B 178 22.25 -9.47 -11.31
N LEU B 179 21.01 -9.89 -11.55
CA LEU B 179 20.41 -10.99 -10.79
C LEU B 179 21.09 -12.32 -11.06
N ARG B 180 21.26 -12.67 -12.35
CA ARG B 180 22.12 -13.80 -12.75
C ARG B 180 23.44 -13.73 -12.01
N ASP B 181 24.14 -12.60 -12.10
CA ASP B 181 25.46 -12.50 -11.45
C ASP B 181 25.44 -12.76 -9.93
N LEU B 182 24.47 -12.21 -9.20
CA LEU B 182 24.49 -12.28 -7.73
C LEU B 182 23.80 -13.50 -7.14
N CYS B 183 22.80 -14.01 -7.85
CA CYS B 183 22.09 -15.21 -7.47
C CYS B 183 22.69 -16.27 -8.39
N GLY B 184 22.16 -17.49 -8.41
CA GLY B 184 22.75 -18.46 -9.33
C GLY B 184 22.18 -18.48 -10.75
N ASN B 185 22.52 -19.54 -11.48
CA ASN B 185 21.84 -19.90 -12.71
C ASN B 185 20.52 -20.58 -12.38
N ASP B 186 20.40 -21.02 -11.12
CA ASP B 186 19.25 -21.81 -10.67
C ASP B 186 18.06 -20.96 -10.24
N PHE B 187 18.35 -19.76 -9.75
CA PHE B 187 17.32 -18.82 -9.28
C PHE B 187 16.43 -18.40 -10.45
N LEU B 188 15.13 -18.46 -10.26
CA LEU B 188 14.22 -18.14 -11.34
C LEU B 188 13.85 -16.65 -11.38
N LEU B 189 13.96 -16.08 -12.58
CA LEU B 189 13.73 -14.66 -12.82
C LEU B 189 12.54 -14.47 -13.71
N TYR B 190 11.47 -13.88 -13.19
CA TYR B 190 10.30 -13.62 -14.04
C TYR B 190 10.16 -12.14 -14.31
N SER B 191 9.61 -11.81 -15.46
CA SER B 191 9.29 -10.45 -15.75
C SER B 191 7.87 -10.17 -15.29
N GLY B 192 7.68 -8.97 -14.75
CA GLY B 192 6.35 -8.49 -14.47
C GLY B 192 5.98 -7.26 -15.26
N ASP B 193 6.69 -7.00 -16.37
CA ASP B 193 6.41 -5.84 -17.24
C ASP B 193 6.31 -6.28 -18.69
N ASP B 194 5.09 -6.48 -19.17
CA ASP B 194 4.86 -6.93 -20.54
C ASP B 194 5.64 -6.12 -21.58
N ALA B 195 5.71 -4.80 -21.42
CA ALA B 195 6.36 -3.93 -22.39
C ALA B 195 7.82 -4.28 -22.66
N THR B 196 8.48 -4.86 -21.65
CA THR B 196 9.89 -5.19 -21.76
C THR B 196 10.16 -6.71 -21.70
N ALA B 197 9.10 -7.50 -21.73
CA ALA B 197 9.20 -8.92 -21.44
C ALA B 197 10.04 -9.67 -22.46
N ARG B 198 9.71 -9.57 -23.75
CA ARG B 198 10.51 -10.25 -24.77
C ARG B 198 11.98 -10.00 -24.51
N GLU B 199 12.34 -8.73 -24.39
CA GLU B 199 13.71 -8.39 -24.08
C GLU B 199 14.19 -9.06 -22.80
N PHE B 200 13.35 -9.06 -21.77
CA PHE B 200 13.71 -9.65 -20.46
C PHE B 200 14.14 -11.13 -20.63
N LEU B 201 13.36 -11.89 -21.41
CA LEU B 201 13.66 -13.28 -21.66
C LEU B 201 14.94 -13.42 -22.47
N THR B 202 15.06 -12.62 -23.52
CA THR B 202 16.23 -12.57 -24.39
C THR B 202 17.52 -12.30 -23.60
N LEU B 203 17.44 -11.54 -22.51
CA LEU B 203 18.63 -11.31 -21.73
C LEU B 203 18.94 -12.45 -20.75
N GLY B 204 18.06 -13.45 -20.68
CA GLY B 204 18.28 -14.61 -19.80
C GLY B 204 17.25 -14.87 -18.70
N GLY B 205 16.09 -14.21 -18.80
CA GLY B 205 14.97 -14.50 -17.91
C GLY B 205 14.40 -15.89 -18.13
N ASP B 206 13.61 -16.39 -17.17
CA ASP B 206 13.07 -17.73 -17.23
C ASP B 206 11.61 -17.74 -17.68
N GLY B 207 10.90 -16.66 -17.43
CA GLY B 207 9.53 -16.56 -17.90
C GLY B 207 8.93 -15.25 -17.51
N VAL B 208 7.62 -15.16 -17.69
CA VAL B 208 6.88 -13.92 -17.63
C VAL B 208 5.55 -14.11 -16.92
N ILE B 209 5.35 -13.36 -15.84
CA ILE B 209 4.07 -13.34 -15.19
C ILE B 209 3.37 -12.06 -15.64
N SER B 210 2.37 -12.27 -16.49
CA SER B 210 1.88 -11.27 -17.41
C SER B 210 0.40 -10.97 -17.23
N VAL B 211 -0.01 -9.76 -17.61
CA VAL B 211 -1.41 -9.35 -17.62
C VAL B 211 -2.03 -9.69 -18.97
N ALA B 212 -1.31 -9.37 -20.05
CA ALA B 212 -1.85 -9.51 -21.40
C ALA B 212 -2.19 -10.93 -21.79
N ASN B 213 -1.47 -11.93 -21.28
CA ASN B 213 -1.82 -13.31 -21.65
C ASN B 213 -3.13 -13.78 -21.03
N ASN B 214 -3.76 -12.92 -20.24
CA ASN B 214 -5.14 -13.07 -19.89
C ASN B 214 -6.02 -13.07 -21.13
N ILE B 215 -5.62 -12.32 -22.16
CA ILE B 215 -6.46 -12.12 -23.34
C ILE B 215 -5.85 -12.49 -24.71
N VAL B 216 -4.53 -12.69 -24.74
CA VAL B 216 -3.85 -13.20 -25.93
C VAL B 216 -2.83 -14.27 -25.56
N PRO B 217 -3.26 -15.34 -24.85
CA PRO B 217 -2.33 -16.38 -24.41
C PRO B 217 -1.60 -17.13 -25.55
N LYS B 218 -2.29 -17.56 -26.60
CA LYS B 218 -1.64 -18.25 -27.73
C LYS B 218 -0.43 -17.47 -28.24
N LEU B 219 -0.67 -16.24 -28.70
CA LEU B 219 0.39 -15.38 -29.20
C LEU B 219 1.41 -15.03 -28.14
N PHE B 220 0.94 -14.80 -26.92
CA PHE B 220 1.89 -14.51 -25.86
C PHE B 220 2.80 -15.69 -25.57
N LYS B 221 2.25 -16.90 -25.68
CA LYS B 221 3.02 -18.10 -25.57
C LYS B 221 4.08 -18.19 -26.67
N LEU B 222 3.68 -18.06 -27.94
CA LEU B 222 4.62 -18.09 -29.07
C LEU B 222 5.77 -17.14 -28.82
N MET B 223 5.45 -15.93 -28.38
CA MET B 223 6.48 -14.95 -28.15
C MET B 223 7.45 -15.43 -27.10
N CYS B 224 6.92 -15.98 -26.01
CA CYS B 224 7.77 -16.41 -24.89
C CYS B 224 8.62 -17.61 -25.27
N ASP B 225 8.01 -18.60 -25.90
CA ASP B 225 8.76 -19.77 -26.40
C ASP B 225 9.87 -19.43 -27.40
N ALA B 226 9.56 -18.60 -28.41
CA ALA B 226 10.55 -18.17 -29.40
C ALA B 226 11.70 -17.43 -28.76
N ALA B 227 11.39 -16.49 -27.88
CA ALA B 227 12.44 -15.79 -27.11
C ALA B 227 13.38 -16.73 -26.32
N LEU B 228 12.81 -17.74 -25.68
CA LEU B 228 13.58 -18.67 -24.82
C LEU B 228 14.43 -19.62 -25.65
N ALA B 229 13.92 -20.00 -26.81
CA ALA B 229 14.65 -20.78 -27.79
C ALA B 229 15.78 -19.95 -28.44
N GLY B 230 15.66 -18.63 -28.42
CA GLY B 230 16.61 -17.74 -29.12
C GLY B 230 16.27 -17.45 -30.59
N ASP B 231 15.03 -17.78 -31.01
CA ASP B 231 14.54 -17.37 -32.34
C ASP B 231 13.98 -15.94 -32.28
N THR B 232 14.91 -14.99 -32.19
CA THR B 232 14.53 -13.59 -31.98
C THR B 232 13.52 -13.13 -33.03
N GLN B 233 13.74 -13.51 -34.29
CA GLN B 233 12.84 -13.13 -35.38
C GLN B 233 11.39 -13.54 -35.10
N ALA B 234 11.19 -14.79 -34.71
CA ALA B 234 9.83 -15.26 -34.40
C ALA B 234 9.24 -14.57 -33.14
N ALA B 235 10.11 -14.27 -32.18
CA ALA B 235 9.72 -13.61 -30.94
C ALA B 235 9.20 -12.21 -31.25
N MET B 236 9.99 -11.46 -31.98
CA MET B 236 9.60 -10.12 -32.38
C MET B 236 8.35 -10.13 -33.26
N ALA B 237 8.24 -11.14 -34.12
CA ALA B 237 7.12 -11.27 -35.03
C ALA B 237 5.83 -11.44 -34.25
N ALA B 238 5.90 -12.25 -33.20
CA ALA B 238 4.73 -12.49 -32.35
C ALA B 238 4.43 -11.26 -31.50
N GLU B 239 5.48 -10.64 -30.95
CA GLU B 239 5.35 -9.43 -30.16
C GLU B 239 4.63 -8.36 -30.95
N ASP B 240 4.97 -8.27 -32.23
CA ASP B 240 4.48 -7.23 -33.12
C ASP B 240 2.97 -7.06 -33.06
N GLN B 241 2.27 -8.17 -33.02
CA GLN B 241 0.86 -8.09 -33.19
C GLN B 241 0.11 -7.69 -31.92
N ILE B 242 0.77 -7.83 -30.78
CA ILE B 242 0.13 -7.62 -29.47
C ILE B 242 0.73 -6.46 -28.69
N LYS B 243 1.88 -5.97 -29.15
CA LYS B 243 2.55 -4.83 -28.56
C LYS B 243 1.60 -3.68 -28.15
N GLY B 244 0.54 -3.45 -28.94
CA GLY B 244 -0.42 -2.38 -28.67
C GLY B 244 -1.09 -2.50 -27.32
N LEU B 245 -1.45 -3.72 -26.94
CA LEU B 245 -1.95 -4.01 -25.61
C LEU B 245 -0.93 -3.75 -24.50
N PHE B 246 0.34 -3.64 -24.83
CA PHE B 246 1.29 -3.55 -23.74
C PHE B 246 1.18 -2.23 -23.04
N SER B 247 0.51 -1.27 -23.68
CA SER B 247 0.28 0.02 -23.05
C SER B 247 -1.23 0.26 -22.82
N ALA B 248 -2.05 -0.14 -23.79
CA ALA B 248 -3.48 -0.02 -23.66
C ALA B 248 -4.08 -0.65 -22.38
N LEU B 249 -3.54 -1.78 -21.91
CA LEU B 249 -4.10 -2.42 -20.72
C LEU B 249 -3.70 -1.68 -19.42
N PHE B 250 -3.04 -0.54 -19.57
CA PHE B 250 -2.67 0.29 -18.42
C PHE B 250 -3.12 1.75 -18.56
N CYS B 251 -4.19 2.01 -19.31
CA CYS B 251 -4.70 3.39 -19.42
C CYS B 251 -5.37 3.83 -18.14
N GLU B 252 -5.88 2.86 -17.39
CA GLU B 252 -6.16 2.98 -15.97
C GLU B 252 -5.48 1.78 -15.30
N ALA B 253 -5.29 1.84 -13.98
CA ALA B 253 -4.55 0.79 -13.31
C ALA B 253 -5.11 -0.60 -13.54
N ASN B 254 -4.21 -1.52 -13.89
CA ASN B 254 -4.46 -2.96 -13.87
C ASN B 254 -5.11 -3.39 -12.55
N PRO B 255 -6.15 -4.23 -12.61
CA PRO B 255 -6.78 -4.90 -13.78
C PRO B 255 -8.01 -4.22 -14.36
N ILE B 256 -8.14 -2.91 -14.18
CA ILE B 256 -9.33 -2.25 -14.74
C ILE B 256 -9.47 -2.44 -16.25
N PRO B 257 -8.39 -2.24 -17.02
CA PRO B 257 -8.63 -2.46 -18.45
C PRO B 257 -8.77 -3.92 -18.83
N VAL B 258 -7.89 -4.79 -18.33
CA VAL B 258 -7.89 -6.19 -18.74
C VAL B 258 -9.21 -6.85 -18.43
N LYS B 259 -9.80 -6.50 -17.30
CA LYS B 259 -11.08 -7.10 -16.92
C LYS B 259 -12.20 -6.64 -17.89
N TRP B 260 -12.22 -5.36 -18.25
CA TRP B 260 -13.12 -4.87 -19.33
C TRP B 260 -12.91 -5.61 -20.66
N ALA B 261 -11.65 -5.81 -21.03
CA ALA B 261 -11.32 -6.50 -22.28
C ALA B 261 -11.79 -7.95 -22.24
N ALA B 262 -11.71 -8.56 -21.06
CA ALA B 262 -12.13 -9.95 -20.89
C ALA B 262 -13.64 -10.09 -21.05
N HIS B 263 -14.38 -9.43 -20.17
CA HIS B 263 -15.85 -9.47 -20.21
C HIS B 263 -16.38 -9.00 -21.55
N LYS B 264 -15.49 -8.43 -22.37
CA LYS B 264 -15.87 -7.93 -23.68
C LYS B 264 -15.75 -9.02 -24.74
N MET B 265 -14.68 -9.80 -24.67
CA MET B 265 -14.45 -10.88 -25.62
C MET B 265 -15.35 -12.07 -25.32
N GLY B 266 -16.16 -11.95 -24.29
CA GLY B 266 -17.07 -13.01 -23.90
C GLY B 266 -16.41 -14.04 -23.00
N LEU B 267 -15.18 -13.76 -22.60
CA LEU B 267 -14.43 -14.65 -21.72
C LEU B 267 -15.11 -14.81 -20.37
N ILE B 268 -15.62 -13.70 -19.85
CA ILE B 268 -16.30 -13.71 -18.56
C ILE B 268 -17.74 -13.20 -18.68
N SER B 269 -18.59 -13.61 -17.75
CA SER B 269 -19.99 -13.19 -17.75
C SER B 269 -20.24 -11.72 -17.42
N GLN B 270 -19.51 -11.15 -16.46
CA GLN B 270 -19.68 -9.75 -16.07
C GLN B 270 -18.40 -8.99 -15.87
N GLY B 271 -18.46 -7.69 -16.05
CA GLY B 271 -17.31 -6.83 -15.85
C GLY B 271 -17.19 -6.26 -14.44
N ASP B 272 -17.93 -6.80 -13.49
CA ASP B 272 -17.90 -6.25 -12.12
C ASP B 272 -16.53 -6.36 -11.42
N ILE B 273 -16.23 -5.34 -10.62
CA ILE B 273 -14.92 -5.19 -10.01
C ILE B 273 -15.13 -4.61 -8.62
N ARG B 274 -14.34 -5.06 -7.64
CA ARG B 274 -14.59 -4.58 -6.28
C ARG B 274 -14.04 -3.21 -6.04
N LEU B 275 -14.78 -2.39 -5.28
CA LEU B 275 -14.29 -1.09 -4.90
C LEU B 275 -13.09 -1.22 -3.98
N PRO B 276 -12.15 -0.26 -4.02
CA PRO B 276 -12.14 1.04 -4.69
C PRO B 276 -11.94 1.01 -6.18
N LEU B 277 -11.70 -0.15 -6.75
CA LEU B 277 -11.59 -0.23 -8.20
C LEU B 277 -12.96 -0.02 -8.87
N THR B 278 -12.96 0.53 -10.07
CA THR B 278 -14.20 0.83 -10.83
C THR B 278 -14.07 0.38 -12.28
N GLU B 279 -15.19 0.19 -12.96
CA GLU B 279 -15.14 -0.29 -14.34
C GLU B 279 -14.53 0.78 -15.24
N LEU B 280 -13.85 0.34 -16.27
CA LEU B 280 -13.14 1.24 -17.17
C LEU B 280 -14.02 2.38 -17.68
N SER B 281 -13.49 3.61 -17.61
CA SER B 281 -14.20 4.81 -18.08
C SER B 281 -14.47 4.80 -19.59
N THR B 282 -15.72 5.13 -19.96
CA THR B 282 -16.13 5.44 -21.34
C THR B 282 -15.02 6.07 -22.16
N GLU B 283 -14.32 7.04 -21.55
CA GLU B 283 -13.20 7.74 -22.18
C GLU B 283 -12.25 6.80 -22.92
N PHE B 284 -11.97 5.62 -22.34
CA PHE B 284 -11.01 4.65 -22.90
C PHE B 284 -11.59 3.47 -23.70
N HIS B 285 -12.92 3.32 -23.74
CA HIS B 285 -13.53 2.22 -24.49
C HIS B 285 -12.96 2.11 -25.93
N GLY B 286 -12.84 3.25 -26.60
CA GLY B 286 -12.38 3.30 -27.99
C GLY B 286 -10.93 2.86 -28.13
N LEU B 287 -10.04 3.46 -27.35
CA LEU B 287 -8.62 3.10 -27.32
C LEU B 287 -8.38 1.59 -27.20
N LEU B 288 -9.14 0.94 -26.33
CA LEU B 288 -8.85 -0.45 -25.99
C LEU B 288 -9.47 -1.41 -27.00
N LEU B 289 -10.64 -1.06 -27.53
CA LEU B 289 -11.24 -1.84 -28.62
C LEU B 289 -10.33 -1.87 -29.86
N ASP B 290 -9.72 -0.73 -30.19
CA ASP B 290 -8.71 -0.66 -31.26
C ASP B 290 -7.48 -1.54 -31.00
N ALA B 291 -6.86 -1.41 -29.82
CA ALA B 291 -5.72 -2.27 -29.49
C ALA B 291 -6.10 -3.75 -29.50
N MET B 292 -7.38 -4.04 -29.21
CA MET B 292 -7.88 -5.42 -29.18
C MET B 292 -8.12 -5.97 -30.55
N LYS B 293 -8.71 -5.16 -31.43
CA LYS B 293 -8.92 -5.58 -32.82
C LYS B 293 -7.57 -5.74 -33.50
N ASN B 294 -6.61 -4.89 -33.13
CA ASN B 294 -5.25 -4.94 -33.66
C ASN B 294 -4.44 -6.15 -33.22
N ALA B 295 -4.87 -6.81 -32.16
CA ALA B 295 -4.18 -8.00 -31.66
C ALA B 295 -4.87 -9.26 -32.15
N ARG B 296 -5.80 -9.09 -33.09
CA ARG B 296 -6.54 -10.18 -33.72
C ARG B 296 -7.44 -10.88 -32.71
N ILE B 297 -8.01 -10.08 -31.81
CA ILE B 297 -9.02 -10.55 -30.89
C ILE B 297 -10.38 -10.34 -31.53
N GLU B 298 -11.17 -11.40 -31.47
CA GLU B 298 -12.50 -11.47 -32.07
C GLU B 298 -13.60 -10.91 -31.15
N VAL B 299 -14.03 -9.68 -31.44
CA VAL B 299 -15.26 -9.10 -30.86
C VAL B 299 -16.39 -9.47 -31.84
N LYS B 300 -17.64 -9.73 -31.41
CA LYS B 300 -18.11 -9.73 -30.00
C LYS B 300 -18.05 -11.13 -29.36
C TRS C . 23.26 -2.22 10.97
C1 TRS C . 23.89 -1.01 10.27
C2 TRS C . 24.30 -3.34 11.09
C3 TRS C . 22.08 -2.75 10.15
N TRS C . 22.75 -1.88 12.34
O1 TRS C . 23.58 0.25 10.88
O2 TRS C . 25.27 -3.06 12.11
O3 TRS C . 21.02 -3.11 11.04
C1 GOL D . 1.29 8.86 10.44
O1 GOL D . 1.54 9.93 9.58
C2 GOL D . -0.18 8.71 10.83
O2 GOL D . -0.99 9.65 10.18
C3 GOL D . -0.31 8.88 12.34
O3 GOL D . -0.11 7.71 13.08
C1 GOL E . 9.08 19.89 23.10
O1 GOL E . 9.76 21.02 23.59
C2 GOL E . 8.71 18.83 24.14
O2 GOL E . 7.84 19.31 25.15
C3 GOL E . 9.92 18.08 24.70
O3 GOL E . 10.01 16.81 24.07
S SO4 F . 5.13 9.93 6.49
O1 SO4 F . 6.53 9.71 6.83
O2 SO4 F . 4.94 9.64 5.06
O3 SO4 F . 4.28 9.06 7.30
O4 SO4 F . 4.79 11.33 6.77
CL CL G . 8.97 8.38 5.07
C1 GOL H . -1.22 -11.22 -10.68
O1 GOL H . -2.58 -11.27 -10.35
C2 GOL H . -0.55 -9.90 -10.35
O2 GOL H . -0.30 -9.12 -11.48
C3 GOL H . 0.74 -10.25 -9.69
O3 GOL H . 0.93 -11.59 -9.97
S SO4 I . -0.26 0.27 -13.42
O1 SO4 I . 0.81 -0.32 -14.22
O2 SO4 I . -0.61 1.61 -13.89
O3 SO4 I . -1.41 -0.62 -13.54
O4 SO4 I . 0.19 0.38 -12.03
CL CL J . 1.01 -4.15 -12.63
#